data_7B0C
#
_entry.id   7B0C
#
_cell.length_a   118.810
_cell.length_b   118.810
_cell.length_c   89.530
_cell.angle_alpha   90.000
_cell.angle_beta   90.000
_cell.angle_gamma   120.000
#
_symmetry.space_group_name_H-M   'P 65'
#
loop_
_entity.id
_entity.type
_entity.pdbx_description
1 polymer 'HTH-type transcriptional repressor NsrR'
2 polymer "DNA (5'-D(P*AP*AP*CP*AP*CP*GP*AP*AP*TP*AP*TP*CP*AP*TP*CP*TP*AP*CP*CP*AP*AP*TP*T)-3')"
3 polymer "DNA (5'-D(P*AP*AP*TP*TP*GP*GP*TP*AP*GP*AP*TP*GP*AP*TP*AP*TP*TP*CP*GP*TP*GP*TP*T)-3')"
4 non-polymer 'IRON/SULFUR CLUSTER'
5 water water
#
loop_
_entity_poly.entity_id
_entity_poly.type
_entity_poly.pdbx_seq_one_letter_code
_entity_poly.pdbx_strand_id
1 'polypeptide(L)'
;MRLTKFTDLALRSLMRLAVVRDGDEPLATREVAEVVGVPYTHAAKAITRLQHLGVVEARRGRGGGLTLTDLGRRVSVGWL
VRELEGEAEVVDCEGDNPCPLRGACRLRRALRDAQEAFYAALDPLTVTDLVAAPTGPVLLGLTDRPSGKLAAALEHHHHH
H
;
A,B
2 'polydeoxyribonucleotide'
;(DA)(DA)(DC)(DA)(DC)(DG)(DA)(DA)(DT)(DA)(DT)(DC)(DA)(DT)(DC)(DT)(DA)(DC)(DC)(DA)
(DA)(DT)(DT)
;
C
3 'polydeoxyribonucleotide'
;(DA)(DA)(DT)(DT)(DG)(DG)(DT)(DA)(DG)(DA)(DT)(DG)(DA)(DT)(DA)(DT)(DT)(DC)(DG)(DT)
(DG)(DT)(DT)
;
D
#
# COMPACT_ATOMS: atom_id res chain seq x y z
N MET A 1 -2.78 3.91 1.94
CA MET A 1 -2.29 2.64 1.46
C MET A 1 -2.69 1.50 2.40
N ARG A 2 -3.45 0.55 1.88
CA ARG A 2 -4.05 -0.50 2.70
C ARG A 2 -4.13 -1.79 1.90
N LEU A 3 -3.95 -2.91 2.61
CA LEU A 3 -4.13 -4.23 2.02
C LEU A 3 -5.61 -4.58 1.94
N THR A 4 -5.98 -5.30 0.89
CA THR A 4 -7.37 -5.74 0.73
C THR A 4 -7.76 -6.65 1.89
N LYS A 5 -9.01 -6.52 2.35
CA LYS A 5 -9.53 -7.45 3.33
C LYS A 5 -9.54 -8.88 2.81
N PHE A 6 -9.54 -9.05 1.49
CA PHE A 6 -9.38 -10.38 0.90
C PHE A 6 -8.06 -11.01 1.32
N THR A 7 -6.96 -10.28 1.20
CA THR A 7 -5.64 -10.83 1.50
C THR A 7 -5.48 -11.12 2.99
N ASP A 8 -5.85 -10.16 3.83
CA ASP A 8 -5.72 -10.35 5.27
C ASP A 8 -6.63 -11.46 5.76
N LEU A 9 -7.85 -11.52 5.22
CA LEU A 9 -8.78 -12.60 5.53
C LEU A 9 -8.21 -13.95 5.14
N ALA A 10 -7.61 -14.05 3.95
CA ALA A 10 -7.02 -15.32 3.53
C ALA A 10 -5.85 -15.70 4.41
N LEU A 11 -5.09 -14.73 4.89
CA LEU A 11 -3.98 -15.06 5.78
C LEU A 11 -4.47 -15.48 7.16
N ARG A 12 -5.56 -14.87 7.63
CA ARG A 12 -6.22 -15.38 8.84
C ARG A 12 -6.61 -16.84 8.67
N SER A 13 -7.20 -17.17 7.52
CA SER A 13 -7.62 -18.54 7.26
C SER A 13 -6.42 -19.48 7.26
N LEU A 14 -5.34 -19.07 6.60
CA LEU A 14 -4.12 -19.88 6.57
C LEU A 14 -3.58 -20.12 7.97
N MET A 15 -3.58 -19.09 8.82
CA MET A 15 -3.08 -19.24 10.18
C MET A 15 -3.93 -20.22 10.98
N ARG A 16 -5.26 -20.01 10.97
CA ARG A 16 -6.17 -20.94 11.63
C ARG A 16 -5.92 -22.38 11.16
N LEU A 17 -5.75 -22.58 9.84
CA LEU A 17 -5.47 -23.93 9.35
C LEU A 17 -4.10 -24.41 9.77
N ALA A 18 -3.18 -23.50 10.11
CA ALA A 18 -1.84 -23.90 10.47
C ALA A 18 -1.74 -24.34 11.93
N VAL A 19 -2.58 -23.77 12.80
CA VAL A 19 -2.57 -24.22 14.20
C VAL A 19 -3.33 -25.52 14.42
N VAL A 20 -4.02 -26.03 13.40
CA VAL A 20 -4.82 -27.25 13.58
C VAL A 20 -3.94 -28.40 14.04
N ARG A 21 -4.47 -29.20 14.96
CA ARG A 21 -3.75 -30.37 15.47
C ARG A 21 -3.53 -31.37 14.35
N ASP A 22 -2.30 -31.90 14.26
CA ASP A 22 -1.91 -32.82 13.20
C ASP A 22 -2.86 -34.01 13.09
N GLY A 23 -3.74 -33.98 12.10
CA GLY A 23 -4.70 -35.04 11.91
C GLY A 23 -5.82 -35.07 12.92
N ASP A 24 -6.29 -33.90 13.36
CA ASP A 24 -7.40 -33.84 14.31
C ASP A 24 -8.73 -34.05 13.59
N GLU A 25 -9.08 -33.13 12.70
CA GLU A 25 -10.22 -33.23 11.81
C GLU A 25 -10.16 -32.08 10.79
N PRO A 26 -10.43 -32.35 9.52
CA PRO A 26 -10.49 -31.25 8.55
C PRO A 26 -11.53 -30.21 8.94
N LEU A 27 -11.21 -28.95 8.64
CA LEU A 27 -11.99 -27.80 9.09
C LEU A 27 -12.96 -27.38 7.99
N ALA A 28 -14.23 -27.22 8.36
CA ALA A 28 -15.19 -26.61 7.46
C ALA A 28 -14.92 -25.11 7.36
N THR A 29 -15.16 -24.57 6.17
CA THR A 29 -14.92 -23.14 5.94
C THR A 29 -15.73 -22.28 6.90
N ARG A 30 -16.96 -22.67 7.20
CA ARG A 30 -17.78 -21.91 8.14
C ARG A 30 -17.10 -21.76 9.49
N GLU A 31 -16.55 -22.85 10.02
CA GLU A 31 -15.96 -22.80 11.36
C GLU A 31 -14.70 -21.94 11.37
N VAL A 32 -13.92 -21.96 10.29
CA VAL A 32 -12.74 -21.10 10.20
C VAL A 32 -13.16 -19.64 10.11
N ALA A 33 -14.07 -19.34 9.17
CA ALA A 33 -14.55 -17.97 9.01
C ALA A 33 -15.12 -17.41 10.31
N GLU A 34 -15.81 -18.24 11.10
CA GLU A 34 -16.37 -17.76 12.36
C GLU A 34 -15.31 -17.64 13.44
N VAL A 35 -14.32 -18.52 13.47
CA VAL A 35 -13.26 -18.41 14.47
C VAL A 35 -12.46 -17.14 14.24
N VAL A 36 -12.07 -16.87 12.99
CA VAL A 36 -11.28 -15.67 12.69
C VAL A 36 -12.15 -14.44 12.48
N GLY A 37 -13.47 -14.59 12.48
CA GLY A 37 -14.37 -13.45 12.47
C GLY A 37 -14.47 -12.72 11.15
N VAL A 38 -14.79 -13.43 10.08
CA VAL A 38 -15.03 -12.81 8.78
C VAL A 38 -16.31 -13.41 8.20
N PRO A 39 -16.95 -12.70 7.26
CA PRO A 39 -18.11 -13.27 6.57
C PRO A 39 -17.74 -14.56 5.84
N TYR A 40 -18.62 -15.56 5.98
CA TYR A 40 -18.37 -16.88 5.37
C TYR A 40 -18.19 -16.77 3.86
N THR A 41 -19.03 -15.98 3.20
CA THR A 41 -19.05 -16.00 1.73
C THR A 41 -17.77 -15.40 1.15
N HIS A 42 -17.24 -14.34 1.77
CA HIS A 42 -15.95 -13.81 1.39
C HIS A 42 -14.83 -14.83 1.63
N ALA A 43 -14.89 -15.48 2.80
CA ALA A 43 -13.92 -16.52 3.13
C ALA A 43 -13.93 -17.64 2.10
N ALA A 44 -15.10 -17.98 1.56
CA ALA A 44 -15.15 -19.05 0.58
C ALA A 44 -14.45 -18.66 -0.71
N LYS A 45 -14.54 -17.39 -1.11
CA LYS A 45 -13.84 -16.94 -2.30
C LYS A 45 -12.33 -16.96 -2.06
N ALA A 46 -11.91 -16.50 -0.88
CA ALA A 46 -10.50 -16.59 -0.52
C ALA A 46 -10.02 -18.04 -0.48
N ILE A 47 -10.88 -18.95 -0.02
CA ILE A 47 -10.52 -20.37 0.01
C ILE A 47 -10.35 -20.92 -1.40
N THR A 48 -11.23 -20.56 -2.31
CA THR A 48 -11.06 -21.00 -3.69
C THR A 48 -9.75 -20.47 -4.27
N ARG A 49 -9.42 -19.23 -3.95
CA ARG A 49 -8.15 -18.65 -4.42
C ARG A 49 -6.97 -19.42 -3.85
N LEU A 50 -6.95 -19.61 -2.52
CA LEU A 50 -5.88 -20.35 -1.87
C LEU A 50 -5.75 -21.76 -2.42
N GLN A 51 -6.87 -22.39 -2.76
CA GLN A 51 -6.82 -23.74 -3.32
C GLN A 51 -6.20 -23.72 -4.71
N HIS A 52 -6.54 -22.72 -5.53
CA HIS A 52 -5.88 -22.56 -6.82
C HIS A 52 -4.39 -22.35 -6.65
N LEU A 53 -3.98 -21.62 -5.60
CA LEU A 53 -2.57 -21.38 -5.36
C LEU A 53 -1.81 -22.65 -4.95
N GLY A 54 -2.50 -23.63 -4.38
CA GLY A 54 -1.88 -24.86 -3.94
C GLY A 54 -1.50 -24.91 -2.47
N VAL A 55 -1.88 -23.90 -1.68
CA VAL A 55 -1.54 -23.89 -0.27
C VAL A 55 -2.61 -24.54 0.59
N VAL A 56 -3.86 -24.57 0.12
CA VAL A 56 -4.99 -25.08 0.89
C VAL A 56 -5.64 -26.21 0.11
N GLU A 57 -5.78 -27.36 0.77
CA GLU A 57 -6.51 -28.51 0.25
C GLU A 57 -7.96 -28.40 0.68
N ALA A 58 -8.88 -28.38 -0.28
CA ALA A 58 -10.31 -28.25 -0.01
C ALA A 58 -11.03 -29.51 -0.50
N ARG A 59 -11.17 -30.49 0.38
CA ARG A 59 -11.98 -31.67 0.07
C ARG A 59 -13.43 -31.22 -0.10
N ARG A 60 -14.07 -31.69 -1.16
CA ARG A 60 -15.35 -31.10 -1.55
C ARG A 60 -16.55 -31.79 -0.94
N GLY A 61 -16.48 -33.08 -0.60
CA GLY A 61 -17.64 -33.70 -0.01
C GLY A 61 -17.36 -35.04 0.62
N ARG A 62 -18.43 -35.80 0.85
CA ARG A 62 -18.38 -37.13 1.43
C ARG A 62 -17.62 -37.15 2.76
N GLY A 63 -17.53 -36.00 3.43
CA GLY A 63 -16.72 -35.88 4.62
C GLY A 63 -15.35 -35.30 4.33
N GLY A 64 -15.11 -34.09 4.78
CA GLY A 64 -13.86 -33.41 4.48
C GLY A 64 -14.01 -31.90 4.39
N GLY A 65 -13.01 -31.18 4.88
CA GLY A 65 -13.02 -29.73 4.82
C GLY A 65 -11.73 -29.13 4.29
N LEU A 66 -11.00 -28.43 5.16
CA LEU A 66 -9.82 -27.67 4.78
C LEU A 66 -8.59 -28.21 5.47
N THR A 67 -7.51 -28.35 4.71
CA THR A 67 -6.21 -28.76 5.24
C THR A 67 -5.14 -27.83 4.72
N LEU A 68 -4.16 -27.50 5.58
CA LEU A 68 -2.98 -26.81 5.10
C LEU A 68 -2.08 -27.78 4.35
N THR A 69 -1.75 -27.45 3.10
CA THR A 69 -0.88 -28.28 2.30
C THR A 69 0.56 -28.15 2.80
N ASP A 70 1.37 -29.17 2.48
CA ASP A 70 2.82 -29.07 2.68
C ASP A 70 3.38 -27.73 2.23
N LEU A 71 3.05 -27.33 0.99
CA LEU A 71 3.40 -26.01 0.48
C LEU A 71 2.96 -24.91 1.45
N GLY A 72 1.70 -24.97 1.90
CA GLY A 72 1.15 -23.91 2.73
C GLY A 72 1.98 -23.56 3.95
N ARG A 73 2.69 -24.54 4.51
CA ARG A 73 3.45 -24.29 5.73
C ARG A 73 4.82 -23.68 5.45
N ARG A 74 5.37 -23.89 4.25
CA ARG A 74 6.70 -23.41 3.92
C ARG A 74 6.70 -22.19 3.02
N VAL A 75 5.57 -21.85 2.39
CA VAL A 75 5.52 -20.65 1.57
C VAL A 75 5.76 -19.42 2.43
N SER A 76 6.29 -18.38 1.80
CA SER A 76 6.58 -17.13 2.48
C SER A 76 5.40 -16.18 2.43
N VAL A 77 5.33 -15.30 3.43
CA VAL A 77 4.26 -14.31 3.47
C VAL A 77 4.38 -13.35 2.30
N GLY A 78 5.60 -13.06 1.86
CA GLY A 78 5.77 -12.20 0.70
C GLY A 78 5.13 -12.77 -0.55
N TRP A 79 5.41 -14.04 -0.84
CA TRP A 79 4.78 -14.71 -1.97
C TRP A 79 3.27 -14.71 -1.86
N LEU A 80 2.75 -14.99 -0.67
CA LEU A 80 1.30 -15.02 -0.46
C LEU A 80 0.68 -13.67 -0.72
N VAL A 81 1.28 -12.60 -0.17
CA VAL A 81 0.74 -11.26 -0.38
C VAL A 81 0.85 -10.85 -1.84
N ARG A 82 1.91 -11.27 -2.53
CA ARG A 82 2.01 -10.97 -3.96
C ARG A 82 0.90 -11.64 -4.74
N GLU A 83 0.62 -12.91 -4.43
CA GLU A 83 -0.34 -13.67 -5.21
C GLU A 83 -1.78 -13.33 -4.85
N LEU A 84 -2.03 -12.88 -3.62
CA LEU A 84 -3.37 -12.51 -3.18
C LEU A 84 -3.69 -11.05 -3.45
N GLU A 85 -2.67 -10.19 -3.56
CA GLU A 85 -2.86 -8.78 -3.81
C GLU A 85 -2.63 -8.41 -5.28
N GLY A 86 -1.74 -9.13 -5.95
CA GLY A 86 -1.59 -9.06 -7.38
C GLY A 86 -0.50 -8.15 -7.89
N GLU A 87 0.39 -7.67 -7.02
CA GLU A 87 1.55 -6.87 -7.41
C GLU A 87 1.23 -5.71 -8.33
N ALA A 88 -0.05 -5.38 -8.47
CA ALA A 88 -0.47 -4.19 -9.21
C ALA A 88 0.32 -2.97 -8.75
N GLU A 89 0.54 -2.04 -9.68
CA GLU A 89 1.27 -0.82 -9.38
C GLU A 89 0.66 -0.10 -8.18
N VAL A 90 1.51 0.58 -7.42
CA VAL A 90 1.04 1.36 -6.28
C VAL A 90 0.52 2.72 -6.70
N VAL A 91 0.55 3.01 -8.00
CA VAL A 91 -0.04 4.22 -8.56
C VAL A 91 -0.65 3.87 -9.91
N ASP A 92 -1.71 4.62 -10.29
CA ASP A 92 -2.45 4.35 -11.51
C ASP A 92 -2.02 5.36 -12.57
N CYS A 93 -0.87 5.08 -13.19
CA CYS A 93 -0.32 5.99 -14.19
C CYS A 93 -1.13 5.97 -15.49
N GLU A 94 -1.63 4.81 -15.89
CA GLU A 94 -2.33 4.65 -17.16
C GLU A 94 -3.82 4.43 -16.96
N GLY A 95 -4.44 5.21 -16.08
CA GLY A 95 -5.85 5.05 -15.80
C GLY A 95 -6.74 5.59 -16.90
N ASP A 96 -7.97 5.97 -16.54
CA ASP A 96 -8.85 6.65 -17.49
C ASP A 96 -8.24 7.97 -17.95
N ASN A 97 -7.48 8.63 -17.08
CA ASN A 97 -6.81 9.89 -17.38
C ASN A 97 -5.32 9.68 -17.14
N PRO A 98 -4.58 9.17 -18.13
CA PRO A 98 -3.19 8.80 -17.89
C PRO A 98 -2.32 10.01 -17.55
N CYS A 99 -1.28 9.76 -16.77
CA CYS A 99 -0.36 10.81 -16.39
C CYS A 99 0.54 11.17 -17.56
N PRO A 100 0.76 12.45 -17.84
CA PRO A 100 1.71 12.82 -18.92
C PRO A 100 3.15 12.50 -18.60
N LEU A 101 3.45 12.04 -17.39
CA LEU A 101 4.82 11.75 -16.99
C LEU A 101 5.18 10.28 -17.17
N ARG A 102 4.33 9.50 -17.82
CA ARG A 102 4.69 8.13 -18.17
C ARG A 102 5.92 8.10 -19.07
N GLY A 103 6.77 7.10 -18.87
CA GLY A 103 7.93 6.90 -19.70
C GLY A 103 9.12 7.74 -19.32
N ALA A 104 9.00 8.59 -18.32
CA ALA A 104 10.09 9.44 -17.86
C ALA A 104 9.78 9.98 -16.47
N CYS A 105 9.26 9.13 -15.60
CA CYS A 105 8.94 9.48 -14.22
C CYS A 105 9.90 8.75 -13.30
N ARG A 106 10.70 9.51 -12.55
CA ARG A 106 11.56 8.91 -11.54
C ARG A 106 10.78 8.52 -10.29
N LEU A 107 9.63 9.17 -10.03
CA LEU A 107 8.76 8.77 -8.93
C LEU A 107 8.25 7.35 -9.12
N ARG A 108 7.98 6.96 -10.37
CA ARG A 108 7.50 5.62 -10.64
C ARG A 108 8.56 4.57 -10.30
N ARG A 109 9.81 4.85 -10.68
CA ARG A 109 10.91 3.98 -10.25
C ARG A 109 11.02 3.94 -8.73
N ALA A 110 10.90 5.10 -8.08
CA ALA A 110 11.02 5.14 -6.63
C ALA A 110 9.95 4.31 -5.95
N LEU A 111 8.72 4.39 -6.44
CA LEU A 111 7.62 3.67 -5.82
C LEU A 111 7.69 2.19 -6.14
N ARG A 112 8.15 1.84 -7.35
CA ARG A 112 8.50 0.47 -7.68
C ARG A 112 9.47 -0.11 -6.66
N ASP A 113 10.55 0.63 -6.37
CA ASP A 113 11.55 0.14 -5.42
C ASP A 113 10.99 0.05 -4.01
N ALA A 114 10.12 0.98 -3.63
CA ALA A 114 9.52 0.93 -2.30
C ALA A 114 8.58 -0.25 -2.15
N GLN A 115 7.81 -0.55 -3.19
CA GLN A 115 6.91 -1.70 -3.14
C GLN A 115 7.68 -3.01 -3.10
N GLU A 116 8.79 -3.07 -3.85
CA GLU A 116 9.66 -4.24 -3.74
C GLU A 116 10.28 -4.35 -2.35
N ALA A 117 10.58 -3.22 -1.72
CA ALA A 117 11.11 -3.26 -0.36
C ALA A 117 10.08 -3.83 0.61
N PHE A 118 8.81 -3.41 0.45
CA PHE A 118 7.71 -4.00 1.20
C PHE A 118 7.67 -5.51 1.03
N TYR A 119 7.52 -5.97 -0.21
CA TYR A 119 7.39 -7.40 -0.48
C TYR A 119 8.59 -8.19 0.00
N ALA A 120 9.79 -7.61 -0.08
CA ALA A 120 11.00 -8.30 0.35
C ALA A 120 11.11 -8.32 1.86
N ALA A 121 10.56 -7.31 2.54
CA ALA A 121 10.47 -7.36 3.99
C ALA A 121 9.52 -8.46 4.43
N LEU A 122 8.55 -8.80 3.59
CA LEU A 122 7.71 -9.96 3.90
C LEU A 122 8.30 -11.28 3.42
N ASP A 123 9.29 -11.25 2.53
CA ASP A 123 9.77 -12.48 1.90
C ASP A 123 10.36 -13.52 2.83
N PRO A 124 11.08 -13.20 3.92
CA PRO A 124 11.63 -14.27 4.76
C PRO A 124 10.59 -15.10 5.49
N LEU A 125 9.62 -14.43 6.11
CA LEU A 125 8.68 -15.08 7.01
C LEU A 125 7.84 -16.12 6.30
N THR A 126 7.60 -17.25 6.98
CA THR A 126 6.67 -18.27 6.55
C THR A 126 5.41 -18.19 7.41
N VAL A 127 4.49 -19.13 7.17
CA VAL A 127 3.24 -19.13 7.92
C VAL A 127 3.42 -19.80 9.28
N THR A 128 4.38 -20.71 9.41
CA THR A 128 4.69 -21.27 10.73
C THR A 128 5.24 -20.20 11.66
N ASP A 129 5.91 -19.20 11.10
CA ASP A 129 6.39 -18.08 11.91
C ASP A 129 5.23 -17.24 12.41
N LEU A 130 4.23 -17.01 11.55
CA LEU A 130 3.10 -16.16 11.91
C LEU A 130 2.26 -16.75 13.03
N VAL A 131 2.32 -18.07 13.22
CA VAL A 131 1.53 -18.74 14.25
C VAL A 131 2.39 -19.16 15.43
N ALA A 132 3.63 -18.68 15.50
CA ALA A 132 4.41 -18.84 16.71
C ALA A 132 3.83 -17.98 17.82
N ALA A 133 4.30 -18.21 19.04
CA ALA A 133 3.87 -17.43 20.19
C ALA A 133 4.01 -15.95 19.88
N PRO A 134 3.07 -15.09 20.33
CA PRO A 134 1.86 -15.49 21.07
C PRO A 134 0.63 -15.78 20.19
N THR A 135 0.81 -15.78 18.87
CA THR A 135 -0.34 -15.87 17.97
C THR A 135 -0.97 -17.26 18.00
N GLY A 136 -0.15 -18.30 17.92
CA GLY A 136 -0.61 -19.67 17.95
C GLY A 136 -1.47 -20.02 19.15
N PRO A 137 -0.93 -19.80 20.35
CA PRO A 137 -1.76 -19.94 21.56
C PRO A 137 -3.10 -19.21 21.50
N VAL A 138 -3.12 -18.00 20.91
CA VAL A 138 -4.37 -17.25 20.85
C VAL A 138 -5.35 -17.91 19.90
N LEU A 139 -4.89 -18.24 18.69
CA LEU A 139 -5.74 -18.94 17.72
C LEU A 139 -6.29 -20.23 18.31
N LEU A 140 -5.45 -21.00 19.00
CA LEU A 140 -5.90 -22.26 19.59
C LEU A 140 -6.95 -22.01 20.67
N GLY A 141 -6.65 -21.11 21.61
CA GLY A 141 -7.63 -20.72 22.61
C GLY A 141 -8.98 -20.34 22.02
N LEU A 142 -8.95 -19.71 20.85
CA LEU A 142 -10.17 -19.21 20.22
C LEU A 142 -11.10 -20.32 19.72
N THR A 143 -10.64 -21.58 19.75
CA THR A 143 -11.49 -22.72 19.35
C THR A 143 -12.20 -23.23 20.59
N ASP A 144 -13.48 -22.88 20.73
CA ASP A 144 -14.27 -23.36 21.85
C ASP A 144 -15.76 -23.38 21.50
N MET B 1 -3.02 -2.92 -2.98
CA MET B 1 -2.30 -1.84 -2.31
C MET B 1 -2.04 -0.69 -3.27
N ARG B 2 -2.55 0.49 -2.93
CA ARG B 2 -2.56 1.62 -3.85
C ARG B 2 -2.35 2.91 -3.08
N LEU B 3 -1.61 3.83 -3.67
CA LEU B 3 -1.48 5.18 -3.13
C LEU B 3 -2.67 6.02 -3.57
N THR B 4 -3.12 6.92 -2.69
CA THR B 4 -4.21 7.81 -3.04
C THR B 4 -3.81 8.71 -4.19
N LYS B 5 -4.76 8.97 -5.09
CA LYS B 5 -4.54 9.95 -6.13
C LYS B 5 -4.27 11.33 -5.55
N PHE B 6 -4.72 11.60 -4.32
CA PHE B 6 -4.36 12.83 -3.63
C PHE B 6 -2.84 12.96 -3.49
N THR B 7 -2.18 11.90 -3.01
CA THR B 7 -0.74 11.97 -2.77
C THR B 7 0.04 12.09 -4.08
N ASP B 8 -0.31 11.27 -5.07
CA ASP B 8 0.40 11.31 -6.34
C ASP B 8 0.16 12.64 -7.05
N LEU B 9 -1.06 13.14 -6.98
CA LEU B 9 -1.40 14.46 -7.52
C LEU B 9 -0.57 15.55 -6.86
N ALA B 10 -0.45 15.51 -5.52
CA ALA B 10 0.35 16.52 -4.84
C ALA B 10 1.82 16.43 -5.21
N LEU B 11 2.33 15.21 -5.45
CA LEU B 11 3.73 15.10 -5.83
C LEU B 11 3.94 15.57 -7.27
N ARG B 12 2.97 15.33 -8.15
CA ARG B 12 3.00 15.95 -9.48
C ARG B 12 3.10 17.46 -9.38
N SER B 13 2.27 18.06 -8.51
CA SER B 13 2.28 19.50 -8.34
C SER B 13 3.63 19.99 -7.82
N LEU B 14 4.18 19.27 -6.84
CA LEU B 14 5.50 19.62 -6.31
C LEU B 14 6.57 19.58 -7.40
N MET B 15 6.53 18.55 -8.25
CA MET B 15 7.52 18.43 -9.32
C MET B 15 7.40 19.59 -10.31
N ARG B 16 6.19 19.84 -10.80
CA ARG B 16 5.94 20.99 -11.67
C ARG B 16 6.48 22.28 -11.05
N LEU B 17 6.21 22.50 -9.77
CA LEU B 17 6.73 23.69 -9.11
C LEU B 17 8.25 23.65 -8.96
N ALA B 18 8.84 22.47 -9.00
CA ALA B 18 10.29 22.37 -8.82
C ALA B 18 11.04 22.65 -10.11
N VAL B 19 10.45 22.35 -11.25
CA VAL B 19 11.12 22.69 -12.52
C VAL B 19 10.97 24.15 -12.90
N VAL B 20 10.17 24.93 -12.16
CA VAL B 20 9.95 26.34 -12.52
C VAL B 20 11.28 27.09 -12.55
N ARG B 21 11.42 27.96 -13.54
CA ARG B 21 12.62 28.77 -13.67
C ARG B 21 12.74 29.73 -12.48
N ASP B 22 13.93 29.81 -11.90
CA ASP B 22 14.18 30.63 -10.73
C ASP B 22 13.73 32.07 -10.94
N GLY B 23 12.59 32.43 -10.37
CA GLY B 23 12.04 33.77 -10.53
C GLY B 23 11.46 34.06 -11.88
N ASP B 24 10.80 33.07 -12.50
CA ASP B 24 10.16 33.29 -13.79
C ASP B 24 8.82 34.00 -13.60
N GLU B 25 7.88 33.34 -12.94
CA GLU B 25 6.61 33.90 -12.51
C GLU B 25 5.90 32.87 -11.63
N PRO B 26 5.30 33.29 -10.51
CA PRO B 26 4.52 32.34 -9.71
C PRO B 26 3.42 31.68 -10.52
N LEU B 27 3.17 30.40 -10.21
CA LEU B 27 2.27 29.56 -10.97
C LEU B 27 0.88 29.57 -10.34
N ALA B 28 -0.14 29.82 -11.16
CA ALA B 28 -1.51 29.63 -10.72
C ALA B 28 -1.83 28.14 -10.63
N THR B 29 -2.67 27.79 -9.66
CA THR B 29 -3.02 26.40 -9.45
C THR B 29 -3.63 25.77 -10.70
N ARG B 30 -4.46 26.53 -11.41
CA ARG B 30 -5.07 26.02 -12.64
C ARG B 30 -4.02 25.56 -13.65
N GLU B 31 -2.98 26.38 -13.86
CA GLU B 31 -2.01 26.03 -14.90
C GLU B 31 -1.21 24.79 -14.50
N VAL B 32 -0.91 24.63 -13.21
CA VAL B 32 -0.21 23.44 -12.75
C VAL B 32 -1.10 22.21 -12.90
N ALA B 33 -2.33 22.29 -12.40
CA ALA B 33 -3.27 21.18 -12.51
C ALA B 33 -3.47 20.76 -13.97
N GLU B 34 -3.49 21.72 -14.89
CA GLU B 34 -3.68 21.36 -16.29
C GLU B 34 -2.42 20.82 -16.93
N VAL B 35 -1.25 21.32 -16.54
CA VAL B 35 0.00 20.78 -17.08
C VAL B 35 0.18 19.33 -16.63
N VAL B 36 -0.03 19.06 -15.34
CA VAL B 36 0.14 17.70 -14.83
C VAL B 36 -1.09 16.83 -15.03
N GLY B 37 -2.20 17.41 -15.51
CA GLY B 37 -3.36 16.63 -15.91
C GLY B 37 -4.17 16.05 -14.76
N VAL B 38 -4.61 16.91 -13.85
CA VAL B 38 -5.50 16.48 -12.76
C VAL B 38 -6.62 17.50 -12.65
N PRO B 39 -7.75 17.12 -12.07
CA PRO B 39 -8.84 18.08 -11.83
C PRO B 39 -8.37 19.22 -10.93
N TYR B 40 -8.75 20.44 -11.31
CA TYR B 40 -8.33 21.64 -10.57
C TYR B 40 -8.76 21.58 -9.11
N THR B 41 -9.99 21.16 -8.84
CA THR B 41 -10.53 21.27 -7.49
C THR B 41 -9.83 20.32 -6.52
N HIS B 42 -9.49 19.11 -6.98
CA HIS B 42 -8.67 18.20 -6.20
C HIS B 42 -7.30 18.78 -5.96
N ALA B 43 -6.69 19.33 -7.01
CA ALA B 43 -5.39 19.98 -6.91
C ALA B 43 -5.40 21.09 -5.87
N ALA B 44 -6.50 21.84 -5.77
CA ALA B 44 -6.55 22.94 -4.80
C ALA B 44 -6.54 22.41 -3.38
N LYS B 45 -7.18 21.27 -3.13
CA LYS B 45 -7.16 20.70 -1.79
C LYS B 45 -5.76 20.19 -1.46
N ALA B 46 -5.11 19.55 -2.44
CA ALA B 46 -3.73 19.14 -2.25
C ALA B 46 -2.82 20.33 -2.02
N ILE B 47 -3.10 21.46 -2.67
CA ILE B 47 -2.30 22.67 -2.49
C ILE B 47 -2.47 23.21 -1.09
N THR B 48 -3.70 23.23 -0.57
CA THR B 48 -3.92 23.66 0.81
C THR B 48 -3.16 22.76 1.78
N ARG B 49 -3.18 21.45 1.52
CA ARG B 49 -2.44 20.52 2.37
C ARG B 49 -0.94 20.81 2.32
N LEU B 50 -0.37 20.91 1.11
CA LEU B 50 1.05 21.21 0.94
C LEU B 50 1.43 22.52 1.60
N GLN B 51 0.55 23.52 1.54
CA GLN B 51 0.83 24.80 2.18
C GLN B 51 0.85 24.67 3.69
N HIS B 52 -0.10 23.92 4.26
CA HIS B 52 -0.05 23.64 5.69
C HIS B 52 1.23 22.92 6.07
N LEU B 53 1.72 22.03 5.20
CA LEU B 53 2.96 21.33 5.49
C LEU B 53 4.18 22.25 5.46
N GLY B 54 4.11 23.36 4.72
CA GLY B 54 5.21 24.28 4.61
C GLY B 54 6.09 24.10 3.39
N VAL B 55 5.72 23.23 2.46
CA VAL B 55 6.55 22.99 1.28
C VAL B 55 6.16 23.90 0.12
N VAL B 56 4.93 24.40 0.09
CA VAL B 56 4.42 25.20 -1.01
C VAL B 56 3.95 26.55 -0.47
N GLU B 57 4.46 27.62 -1.06
CA GLU B 57 4.02 28.97 -0.78
C GLU B 57 2.87 29.32 -1.72
N ALA B 58 1.72 29.66 -1.15
CA ALA B 58 0.52 29.99 -1.92
C ALA B 58 0.11 31.43 -1.62
N ARG B 59 0.62 32.37 -2.41
CA ARG B 59 0.19 33.76 -2.31
C ARG B 59 -1.28 33.84 -2.69
N ARG B 60 -2.07 34.57 -1.90
CA ARG B 60 -3.51 34.47 -2.04
C ARG B 60 -4.10 35.49 -3.01
N GLY B 61 -3.48 36.64 -3.21
CA GLY B 61 -4.05 37.57 -4.16
C GLY B 61 -3.12 38.70 -4.53
N ARG B 62 -3.73 39.75 -5.10
CA ARG B 62 -3.03 40.96 -5.53
C ARG B 62 -1.86 40.64 -6.47
N GLY B 63 -1.92 39.49 -7.14
CA GLY B 63 -0.82 39.04 -7.97
C GLY B 63 0.08 38.06 -7.23
N GLY B 64 0.05 36.80 -7.64
CA GLY B 64 0.81 35.77 -6.97
C GLY B 64 0.16 34.41 -7.06
N GLY B 65 0.99 33.37 -7.22
CA GLY B 65 0.48 32.02 -7.27
C GLY B 65 1.20 31.05 -6.37
N LEU B 66 1.92 30.09 -6.96
CA LEU B 66 2.53 29.00 -6.22
C LEU B 66 4.04 29.04 -6.38
N THR B 67 4.75 28.86 -5.27
CA THR B 67 6.20 28.78 -5.26
C THR B 67 6.63 27.57 -4.45
N LEU B 68 7.67 26.88 -4.93
CA LEU B 68 8.30 25.86 -4.11
C LEU B 68 9.14 26.52 -3.02
N THR B 69 8.86 26.18 -1.76
CA THR B 69 9.61 26.72 -0.65
C THR B 69 11.01 26.10 -0.59
N ASP B 70 11.95 26.81 0.03
CA ASP B 70 13.25 26.24 0.37
C ASP B 70 13.09 24.83 0.95
N LEU B 71 12.23 24.69 1.95
CA LEU B 71 11.89 23.37 2.49
C LEU B 71 11.48 22.40 1.38
N GLY B 72 10.56 22.84 0.51
CA GLY B 72 10.02 21.97 -0.53
C GLY B 72 11.07 21.26 -1.37
N ARG B 73 12.22 21.90 -1.58
CA ARG B 73 13.24 21.32 -2.44
C ARG B 73 14.11 20.30 -1.72
N ARG B 74 14.22 20.39 -0.40
CA ARG B 74 15.10 19.53 0.37
C ARG B 74 14.36 18.43 1.12
N VAL B 75 13.04 18.54 1.28
CA VAL B 75 12.28 17.49 1.95
C VAL B 75 12.39 16.19 1.15
N SER B 76 12.26 15.07 1.87
CA SER B 76 12.36 13.77 1.26
C SER B 76 11.00 13.27 0.79
N VAL B 77 11.01 12.41 -0.22
CA VAL B 77 9.77 11.82 -0.72
C VAL B 77 9.12 10.96 0.34
N GLY B 78 9.92 10.30 1.18
CA GLY B 78 9.36 9.50 2.26
C GLY B 78 8.54 10.33 3.22
N TRP B 79 9.09 11.46 3.67
CA TRP B 79 8.35 12.36 4.54
C TRP B 79 7.07 12.85 3.88
N LEU B 80 7.15 13.22 2.61
CA LEU B 80 5.98 13.71 1.88
C LEU B 80 4.90 12.65 1.80
N VAL B 81 5.27 11.42 1.44
CA VAL B 81 4.29 10.35 1.35
C VAL B 81 3.71 10.02 2.71
N ARG B 82 4.52 10.10 3.77
CA ARG B 82 3.99 9.89 5.11
C ARG B 82 2.95 10.93 5.47
N GLU B 83 3.23 12.19 5.17
CA GLU B 83 2.35 13.28 5.59
C GLU B 83 1.11 13.38 4.70
N LEU B 84 1.22 12.96 3.44
CA LEU B 84 0.10 13.02 2.52
C LEU B 84 -0.77 11.77 2.54
N GLU B 85 -0.20 10.64 2.96
CA GLU B 85 -0.93 9.38 3.04
C GLU B 85 -1.39 9.06 4.45
N GLY B 86 -0.62 9.50 5.45
CA GLY B 86 -1.04 9.50 6.83
C GLY B 86 -0.58 8.31 7.65
N GLU B 87 0.35 7.50 7.16
CA GLU B 87 0.96 6.40 7.91
C GLU B 87 -0.07 5.47 8.56
N ALA B 88 -1.34 5.61 8.18
CA ALA B 88 -2.37 4.69 8.63
C ALA B 88 -1.93 3.25 8.40
N GLU B 89 -2.38 2.36 9.28
CA GLU B 89 -2.06 0.95 9.18
C GLU B 89 -2.41 0.41 7.80
N VAL B 90 -1.61 -0.57 7.34
CA VAL B 90 -1.89 -1.20 6.06
C VAL B 90 -2.95 -2.27 6.17
N VAL B 91 -3.50 -2.49 7.37
CA VAL B 91 -4.61 -3.39 7.62
C VAL B 91 -5.49 -2.77 8.68
N ASP B 92 -6.80 -3.08 8.62
CA ASP B 92 -7.78 -2.48 9.53
C ASP B 92 -8.14 -3.51 10.60
N CYS B 93 -7.26 -3.62 11.60
CA CYS B 93 -7.47 -4.60 12.66
C CYS B 93 -8.64 -4.20 13.57
N GLU B 94 -8.81 -2.91 13.84
CA GLU B 94 -9.83 -2.43 14.76
C GLU B 94 -10.96 -1.72 14.01
N GLY B 95 -11.40 -2.31 12.91
CA GLY B 95 -12.43 -1.71 12.08
C GLY B 95 -13.82 -1.79 12.69
N ASP B 96 -14.84 -1.76 11.83
CA ASP B 96 -16.19 -2.00 12.31
C ASP B 96 -16.34 -3.40 12.89
N ASN B 97 -15.59 -4.36 12.36
CA ASN B 97 -15.59 -5.74 12.84
C ASN B 97 -14.15 -6.11 13.20
N PRO B 98 -13.71 -5.81 14.42
CA PRO B 98 -12.30 -5.99 14.76
C PRO B 98 -11.86 -7.45 14.71
N CYS B 99 -10.59 -7.64 14.38
CA CYS B 99 -9.99 -8.97 14.31
C CYS B 99 -9.75 -9.52 15.72
N PRO B 100 -10.09 -10.78 15.99
CA PRO B 100 -9.78 -11.36 17.30
C PRO B 100 -8.29 -11.56 17.56
N LEU B 101 -7.43 -11.32 16.58
CA LEU B 101 -6.00 -11.53 16.73
C LEU B 101 -5.25 -10.27 17.13
N ARG B 102 -5.97 -9.21 17.48
CA ARG B 102 -5.32 -8.02 18.04
C ARG B 102 -4.58 -8.35 19.32
N GLY B 103 -3.44 -7.71 19.51
CA GLY B 103 -2.68 -7.86 20.74
C GLY B 103 -1.78 -9.07 20.77
N ALA B 104 -1.79 -9.89 19.74
CA ALA B 104 -0.94 -11.07 19.66
C ALA B 104 -0.87 -11.56 18.22
N CYS B 105 -0.74 -10.62 17.28
CA CYS B 105 -0.63 -10.94 15.86
C CYS B 105 0.78 -10.65 15.39
N ARG B 106 1.49 -11.69 14.95
CA ARG B 106 2.81 -11.50 14.35
C ARG B 106 2.72 -10.97 12.93
N LEU B 107 1.60 -11.21 12.25
CA LEU B 107 1.39 -10.62 10.92
C LEU B 107 1.35 -9.10 11.01
N ARG B 108 0.79 -8.56 12.09
CA ARG B 108 0.74 -7.11 12.24
C ARG B 108 2.14 -6.53 12.38
N ARG B 109 3.00 -7.17 13.18
CA ARG B 109 4.40 -6.76 13.25
C ARG B 109 5.07 -6.86 11.89
N ALA B 110 4.81 -7.95 11.15
CA ALA B 110 5.44 -8.13 9.85
C ALA B 110 5.03 -7.03 8.88
N LEU B 111 3.76 -6.67 8.89
CA LEU B 111 3.26 -5.65 7.96
C LEU B 111 3.71 -4.26 8.37
N ARG B 112 3.79 -4.01 9.69
CA ARG B 112 4.43 -2.82 10.20
C ARG B 112 5.84 -2.66 9.65
N ASP B 113 6.64 -3.72 9.74
CA ASP B 113 8.03 -3.65 9.26
C ASP B 113 8.08 -3.48 7.75
N ALA B 114 7.15 -4.10 7.02
CA ALA B 114 7.14 -3.95 5.57
C ALA B 114 6.77 -2.53 5.16
N GLN B 115 5.82 -1.91 5.87
CA GLN B 115 5.43 -0.55 5.56
C GLN B 115 6.56 0.42 5.89
N GLU B 116 7.27 0.16 6.99
CA GLU B 116 8.45 0.96 7.28
C GLU B 116 9.53 0.77 6.23
N ALA B 117 9.66 -0.43 5.68
CA ALA B 117 10.61 -0.65 4.59
C ALA B 117 10.25 0.17 3.36
N PHE B 118 8.96 0.21 3.02
CA PHE B 118 8.45 1.08 1.96
C PHE B 118 8.87 2.54 2.20
N TYR B 119 8.46 3.09 3.34
CA TYR B 119 8.73 4.50 3.63
C TYR B 119 10.23 4.77 3.67
N ALA B 120 11.04 3.82 4.14
CA ALA B 120 12.48 4.04 4.21
C ALA B 120 13.14 3.93 2.85
N ALA B 121 12.57 3.13 1.95
CA ALA B 121 13.05 3.12 0.58
C ALA B 121 12.74 4.45 -0.10
N LEU B 122 11.69 5.13 0.35
CA LEU B 122 11.45 6.49 -0.15
C LEU B 122 12.22 7.57 0.59
N ASP B 123 12.73 7.27 1.79
CA ASP B 123 13.32 8.32 2.61
C ASP B 123 14.54 9.04 2.04
N PRO B 124 15.45 8.41 1.26
CA PRO B 124 16.61 9.17 0.77
C PRO B 124 16.26 10.26 -0.23
N LEU B 125 15.41 9.92 -1.21
CA LEU B 125 15.14 10.81 -2.33
C LEU B 125 14.51 12.12 -1.89
N THR B 126 14.93 13.22 -2.53
CA THR B 126 14.31 14.52 -2.40
C THR B 126 13.49 14.81 -3.65
N VAL B 127 12.92 16.02 -3.70
CA VAL B 127 12.10 16.38 -4.85
C VAL B 127 12.97 16.86 -6.00
N THR B 128 14.16 17.39 -5.72
CA THR B 128 15.09 17.72 -6.79
C THR B 128 15.55 16.46 -7.52
N ASP B 129 15.58 15.33 -6.83
CA ASP B 129 15.93 14.07 -7.48
C ASP B 129 14.83 13.63 -8.43
N LEU B 130 13.57 13.79 -8.02
CA LEU B 130 12.45 13.35 -8.83
C LEU B 130 12.32 14.11 -10.14
N VAL B 131 12.89 15.31 -10.23
CA VAL B 131 12.81 16.15 -11.42
C VAL B 131 14.13 16.16 -12.18
N ALA B 132 15.06 15.28 -11.83
CA ALA B 132 16.24 15.09 -12.65
C ALA B 132 15.84 14.41 -13.97
N ALA B 133 16.77 14.41 -14.90
CA ALA B 133 16.56 13.74 -16.18
C ALA B 133 16.06 12.31 -15.96
N PRO B 134 15.12 11.83 -16.78
CA PRO B 134 14.48 12.58 -17.88
C PRO B 134 13.20 13.31 -17.48
N THR B 135 12.88 13.34 -16.18
CA THR B 135 11.59 13.87 -15.76
C THR B 135 11.52 15.38 -15.92
N GLY B 136 12.56 16.09 -15.49
CA GLY B 136 12.63 17.52 -15.59
C GLY B 136 12.45 18.05 -17.01
N PRO B 137 13.28 17.58 -17.94
CA PRO B 137 13.06 17.90 -19.36
C PRO B 137 11.64 17.67 -19.84
N VAL B 138 10.99 16.59 -19.40
CA VAL B 138 9.63 16.30 -19.84
C VAL B 138 8.66 17.31 -19.28
N LEU B 139 8.72 17.55 -17.97
CA LEU B 139 7.87 18.56 -17.33
C LEU B 139 8.03 19.92 -18.00
N LEU B 140 9.26 20.32 -18.28
CA LEU B 140 9.51 21.62 -18.92
C LEU B 140 8.92 21.65 -20.32
N GLY B 141 9.22 20.63 -21.14
CA GLY B 141 8.61 20.52 -22.45
C GLY B 141 7.09 20.65 -22.41
N LEU B 142 6.47 20.14 -21.35
CA LEU B 142 5.01 20.13 -21.22
C LEU B 142 4.42 21.51 -21.02
N THR B 143 5.26 22.54 -20.81
CA THR B 143 4.79 23.92 -20.66
C THR B 143 4.78 24.59 -22.03
N ASP B 144 3.59 24.71 -22.61
CA ASP B 144 3.43 25.38 -23.91
C ASP B 144 2.03 25.96 -24.05
#